data_4R2C
#
_entry.id   4R2C
#
_cell.length_a   43.977
_cell.length_b   56.076
_cell.length_c   129.605
_cell.angle_alpha   90.00
_cell.angle_beta   90.00
_cell.angle_gamma   90.00
#
_symmetry.space_group_name_H-M   'C 2 2 21'
#
loop_
_entity.id
_entity.type
_entity.pdbx_description
1 polymer 'Early growth response protein 1'
2 polymer "DNA (5'-D(*AP*GP*CP*GP*TP*GP*GP*GP*(5HC)P*GP*T)-3')"
3 polymer "DNA (5'-D(*TP*AP*(5HC)P*GP*CP*CP*CP*AP*CP*GP*C)-3')"
4 non-polymer 'ZINC ION'
5 non-polymer 'POTASSIUM ION'
6 water water
#
loop_
_entity_poly.entity_id
_entity_poly.type
_entity_poly.pdbx_seq_one_letter_code
_entity_poly.pdbx_strand_id
1 'polypeptide(L)'
;GPLGSERPYACPVESCDRRFSRSDELTRHIRIHTGQKPFQCRICMRNFSRSDHLTTHIRTHTGEKPFACDICGRKFARSD
ERKRHTKIHLRQKD
;
A
2 'polydeoxyribonucleotide' (DA)(DG)(DC)(DG)(DT)(DG)(DG)(DG)(5HC)(DG)(DT) B
3 'polydeoxyribonucleotide' (DT)(DA)(5HC)(DG)(DC)(DC)(DC)(DA)(DC)(DG)(DC) C
#
loop_
_chem_comp.id
_chem_comp.type
_chem_comp.name
_chem_comp.formula
5HC DNA linking '2'-deoxy-5-(hydroxymethyl)cytidine 5'-(dihydrogen phosphate)' 'C10 H16 N3 O8 P'
DA DNA linking 2'-DEOXYADENOSINE-5'-MONOPHOSPHATE 'C10 H14 N5 O6 P'
DC DNA linking 2'-DEOXYCYTIDINE-5'-MONOPHOSPHATE 'C9 H14 N3 O7 P'
DG DNA linking 2'-DEOXYGUANOSINE-5'-MONOPHOSPHATE 'C10 H14 N5 O7 P'
DT DNA linking THYMIDINE-5'-MONOPHOSPHATE 'C10 H15 N2 O8 P'
K non-polymer 'POTASSIUM ION' 'K 1'
ZN non-polymer 'ZINC ION' 'Zn 2'
#
# COMPACT_ATOMS: atom_id res chain seq x y z
N GLU A 6 18.31 9.64 -15.88
CA GLU A 6 18.26 9.04 -14.56
C GLU A 6 17.12 8.02 -14.45
N ARG A 7 16.00 8.34 -15.08
CA ARG A 7 14.84 7.45 -15.09
C ARG A 7 14.48 7.05 -16.52
N PRO A 8 15.13 5.99 -17.03
CA PRO A 8 14.98 5.54 -18.42
C PRO A 8 13.62 4.95 -18.74
N TYR A 9 13.10 4.08 -17.87
CA TYR A 9 11.84 3.39 -18.12
C TYR A 9 10.66 4.35 -18.06
N ALA A 10 10.04 4.59 -19.21
CA ALA A 10 8.94 5.54 -19.31
C ALA A 10 7.61 4.83 -19.60
N CYS A 11 6.51 5.44 -19.15
CA CYS A 11 5.18 4.89 -19.41
C CYS A 11 4.76 5.17 -20.85
N PRO A 12 4.48 4.10 -21.61
CA PRO A 12 4.13 4.20 -23.03
C PRO A 12 2.69 4.63 -23.29
N VAL A 13 1.94 4.94 -22.23
CA VAL A 13 0.55 5.37 -22.38
C VAL A 13 0.47 6.85 -22.76
N GLU A 14 -0.36 7.15 -23.75
CA GLU A 14 -0.49 8.52 -24.27
C GLU A 14 -0.94 9.52 -23.22
N SER A 15 -1.85 9.11 -22.34
CA SER A 15 -2.40 10.01 -21.33
C SER A 15 -1.40 10.26 -20.21
N CYS A 16 -0.50 9.30 -19.99
CA CYS A 16 0.44 9.36 -18.88
C CYS A 16 1.78 9.92 -19.33
N ASP A 17 2.57 10.42 -18.37
CA ASP A 17 3.86 11.02 -18.68
C ASP A 17 4.92 10.67 -17.64
N ARG A 18 4.56 9.82 -16.68
CA ARG A 18 5.48 9.46 -15.61
C ARG A 18 6.61 8.54 -16.10
N ARG A 19 7.78 8.72 -15.50
CA ARG A 19 8.95 7.90 -15.83
CA ARG A 19 8.94 7.89 -15.82
C ARG A 19 9.56 7.31 -14.56
N PHE A 20 10.24 6.18 -14.68
CA PHE A 20 10.79 5.49 -13.51
C PHE A 20 12.24 5.05 -13.72
N SER A 21 12.92 4.76 -12.61
CA SER A 21 14.32 4.35 -12.65
C SER A 21 14.47 2.83 -12.61
N ARG A 22 13.43 2.16 -12.13
CA ARG A 22 13.43 0.70 -12.07
C ARG A 22 12.29 0.12 -12.88
N SER A 23 12.61 -0.87 -13.71
CA SER A 23 11.64 -1.46 -14.63
C SER A 23 10.44 -2.07 -13.90
N ASP A 24 10.70 -2.69 -12.75
CA ASP A 24 9.63 -3.35 -12.01
C ASP A 24 8.64 -2.33 -11.45
N GLU A 25 9.08 -1.09 -11.27
CA GLU A 25 8.19 -0.03 -10.82
C GLU A 25 7.28 0.39 -11.97
N LEU A 26 7.84 0.40 -13.17
CA LEU A 26 7.06 0.69 -14.38
C LEU A 26 6.03 -0.42 -14.59
N THR A 27 6.48 -1.67 -14.42
CA THR A 27 5.61 -2.83 -14.56
C THR A 27 4.44 -2.76 -13.58
N ARG A 28 4.72 -2.30 -12.37
CA ARG A 28 3.70 -2.10 -11.36
C ARG A 28 2.75 -0.98 -11.78
N HIS A 29 3.32 0.14 -12.21
CA HIS A 29 2.55 1.32 -12.60
C HIS A 29 1.53 1.04 -13.70
N ILE A 30 1.91 0.17 -14.64
CA ILE A 30 1.07 -0.15 -15.79
C ILE A 30 -0.31 -0.69 -15.37
N ARG A 31 -0.37 -1.36 -14.23
CA ARG A 31 -1.62 -1.95 -13.76
C ARG A 31 -2.70 -0.90 -13.51
N ILE A 32 -2.29 0.34 -13.32
CA ILE A 32 -3.23 1.46 -13.22
C ILE A 32 -4.01 1.60 -14.52
N HIS A 33 -3.31 1.38 -15.63
CA HIS A 33 -3.92 1.54 -16.95
C HIS A 33 -4.64 0.28 -17.41
N THR A 34 -4.08 -0.88 -17.10
CA THR A 34 -4.69 -2.15 -17.49
C THR A 34 -5.83 -2.52 -16.54
N GLY A 35 -5.78 -1.97 -15.32
CA GLY A 35 -6.80 -2.23 -14.33
C GLY A 35 -6.65 -3.60 -13.69
N GLN A 36 -5.54 -4.26 -13.96
CA GLN A 36 -5.28 -5.58 -13.42
C GLN A 36 -5.10 -5.52 -11.90
N LYS A 37 -5.79 -6.41 -11.20
CA LYS A 37 -5.66 -6.55 -9.75
C LYS A 37 -5.46 -8.02 -9.41
N PRO A 38 -4.21 -8.49 -9.43
CA PRO A 38 -3.87 -9.92 -9.33
C PRO A 38 -4.13 -10.54 -7.97
N PHE A 39 -4.26 -9.73 -6.92
CA PHE A 39 -4.31 -10.25 -5.57
C PHE A 39 -5.70 -10.13 -4.95
N GLN A 40 -6.30 -11.27 -4.64
CA GLN A 40 -7.67 -11.30 -4.15
C GLN A 40 -7.77 -11.71 -2.69
N CYS A 41 -8.59 -10.97 -1.94
CA CYS A 41 -8.87 -11.29 -0.55
C CYS A 41 -9.76 -12.54 -0.46
N ARG A 42 -9.29 -13.56 0.22
CA ARG A 42 -10.02 -14.82 0.34
C ARG A 42 -11.32 -14.64 1.12
N ILE A 43 -11.40 -13.58 1.90
CA ILE A 43 -12.53 -13.37 2.79
C ILE A 43 -13.68 -12.63 2.12
N CYS A 44 -13.38 -11.51 1.46
CA CYS A 44 -14.44 -10.71 0.85
C CYS A 44 -14.36 -10.64 -0.68
N MET A 45 -13.39 -11.36 -1.25
CA MET A 45 -13.25 -11.52 -2.70
C MET A 45 -12.85 -10.24 -3.44
N ARG A 46 -12.60 -9.16 -2.71
CA ARG A 46 -12.13 -7.94 -3.34
C ARG A 46 -10.74 -8.14 -3.93
N ASN A 47 -10.47 -7.48 -5.05
CA ASN A 47 -9.19 -7.61 -5.73
C ASN A 47 -8.29 -6.39 -5.51
N PHE A 48 -6.99 -6.62 -5.43
CA PHE A 48 -6.02 -5.56 -5.16
C PHE A 48 -4.87 -5.58 -6.16
N SER A 49 -4.29 -4.41 -6.40
CA SER A 49 -3.20 -4.26 -7.35
C SER A 49 -1.87 -4.70 -6.76
N ARG A 50 -1.77 -4.66 -5.44
CA ARG A 50 -0.50 -4.96 -4.76
C ARG A 50 -0.68 -5.95 -3.61
N SER A 51 0.27 -6.89 -3.51
CA SER A 51 0.20 -7.95 -2.51
C SER A 51 0.34 -7.41 -1.08
N ASP A 52 1.15 -6.37 -0.92
CA ASP A 52 1.35 -5.81 0.42
C ASP A 52 0.08 -5.10 0.91
N HIS A 53 -0.65 -4.49 -0.02
CA HIS A 53 -1.90 -3.83 0.33
C HIS A 53 -3.00 -4.83 0.62
N LEU A 54 -2.92 -6.01 0.00
CA LEU A 54 -3.83 -7.10 0.32
C LEU A 54 -3.63 -7.54 1.76
N THR A 55 -2.37 -7.62 2.16
CA THR A 55 -2.02 -8.06 3.50
C THR A 55 -2.60 -7.15 4.57
N THR A 56 -2.41 -5.85 4.42
CA THR A 56 -2.94 -4.92 5.41
C THR A 56 -4.47 -4.86 5.33
N HIS A 57 -5.02 -5.09 4.15
CA HIS A 57 -6.47 -5.11 4.01
C HIS A 57 -7.11 -6.24 4.81
N ILE A 58 -6.50 -7.42 4.76
CA ILE A 58 -7.03 -8.59 5.45
C ILE A 58 -7.18 -8.33 6.95
N ARG A 59 -6.31 -7.49 7.50
CA ARG A 59 -6.37 -7.15 8.91
C ARG A 59 -7.66 -6.41 9.28
N THR A 60 -8.34 -5.84 8.29
CA THR A 60 -9.63 -5.20 8.55
C THR A 60 -10.66 -6.27 8.92
N HIS A 61 -10.45 -7.49 8.44
CA HIS A 61 -11.35 -8.61 8.70
C HIS A 61 -10.99 -9.33 9.99
N THR A 62 -9.70 -9.53 10.21
CA THR A 62 -9.23 -10.35 11.32
C THR A 62 -9.06 -9.55 12.61
N GLY A 63 -8.86 -8.25 12.47
CA GLY A 63 -8.64 -7.40 13.63
C GLY A 63 -7.22 -7.49 14.16
N GLU A 64 -6.33 -8.07 13.38
CA GLU A 64 -4.91 -8.14 13.75
C GLU A 64 -4.32 -6.73 13.81
N LYS A 65 -3.65 -6.41 14.91
CA LYS A 65 -3.04 -5.10 15.09
C LYS A 65 -1.64 -5.24 15.67
N PRO A 66 -0.63 -5.42 14.80
CA PRO A 66 0.74 -5.71 15.22
C PRO A 66 1.52 -4.52 15.80
N PHE A 67 1.05 -3.28 15.58
CA PHE A 67 1.87 -2.12 15.91
C PHE A 67 1.35 -1.30 17.09
N ALA A 68 2.09 -1.36 18.20
CA ALA A 68 1.66 -0.73 19.44
C ALA A 68 2.41 0.58 19.71
N CYS A 69 1.67 1.59 20.14
CA CYS A 69 2.26 2.87 20.50
C CYS A 69 3.22 2.72 21.68
N ASP A 70 4.43 3.27 21.53
CA ASP A 70 5.43 3.22 22.59
C ASP A 70 4.97 3.92 23.87
N ILE A 71 4.16 4.97 23.72
CA ILE A 71 3.74 5.77 24.87
C ILE A 71 2.56 5.14 25.63
N CYS A 72 1.52 4.77 24.91
CA CYS A 72 0.28 4.36 25.59
C CYS A 72 -0.13 2.91 25.32
N GLY A 73 0.52 2.26 24.36
CA GLY A 73 0.27 0.85 24.10
C GLY A 73 -0.88 0.57 23.14
N ARG A 74 -1.56 1.62 22.69
CA ARG A 74 -2.65 1.45 21.73
C ARG A 74 -2.15 0.76 20.47
N LYS A 75 -2.91 -0.22 19.99
CA LYS A 75 -2.48 -1.06 18.86
C LYS A 75 -3.09 -0.64 17.52
N PHE A 76 -2.34 -0.87 16.44
CA PHE A 76 -2.79 -0.47 15.11
C PHE A 76 -2.50 -1.54 14.05
N ALA A 77 -3.29 -1.55 12.99
CA ALA A 77 -3.12 -2.54 11.93
C ALA A 77 -1.90 -2.25 11.07
N ARG A 78 -1.57 -0.97 10.90
CA ARG A 78 -0.46 -0.58 10.05
C ARG A 78 0.54 0.29 10.78
N SER A 79 1.80 0.23 10.36
CA SER A 79 2.85 1.02 10.99
C SER A 79 2.62 2.53 10.84
N ASP A 80 2.08 2.95 9.70
CA ASP A 80 1.89 4.37 9.46
C ASP A 80 0.73 4.92 10.30
N GLU A 81 -0.19 4.05 10.70
CA GLU A 81 -1.27 4.45 11.60
CA GLU A 81 -1.27 4.42 11.61
C GLU A 81 -0.70 4.76 12.98
N ARG A 82 0.22 3.92 13.45
CA ARG A 82 0.86 4.15 14.73
C ARG A 82 1.67 5.44 14.69
N LYS A 83 2.36 5.67 13.57
CA LYS A 83 3.19 6.86 13.43
C LYS A 83 2.33 8.12 13.53
N ARG A 84 1.21 8.11 12.81
CA ARG A 84 0.28 9.23 12.87
C ARG A 84 -0.26 9.44 14.28
N HIS A 85 -0.44 8.35 15.02
CA HIS A 85 -0.99 8.43 16.36
C HIS A 85 0.02 8.94 17.41
N THR A 86 1.24 8.43 17.36
CA THR A 86 2.22 8.71 18.41
C THR A 86 2.40 10.21 18.66
N LYS A 87 2.31 11.01 17.60
CA LYS A 87 2.56 12.45 17.70
C LYS A 87 1.55 13.18 18.59
N ILE A 88 0.40 12.58 18.86
CA ILE A 88 -0.61 13.26 19.66
C ILE A 88 -0.20 13.36 21.13
N HIS A 89 0.79 12.58 21.54
CA HIS A 89 1.24 12.62 22.93
C HIS A 89 2.20 13.78 23.16
N LEU A 90 2.49 14.53 22.11
CA LEU A 90 3.30 15.74 22.24
C LEU A 90 2.51 16.84 22.94
N ARG A 91 3.18 17.94 23.28
CA ARG A 91 2.52 19.04 23.97
C ARG A 91 1.85 19.99 22.97
P 5HC B 9 14.38 6.01 -4.58
OP1 5HC B 9 15.50 6.99 -4.28
OP2 5HC B 9 14.18 5.82 -6.07
O5' 5HC B 9 14.61 4.63 -3.83
C5' 5HC B 9 14.69 4.70 -2.42
C4' 5HC B 9 14.40 3.41 -1.83
O4' 5HC B 9 12.98 2.91 -2.17
C3' 5HC B 9 15.30 2.36 -2.34
O3' 5HC B 9 16.39 2.20 -1.32
C2' 5HC B 9 14.51 1.28 -2.42
C1' 5HC B 9 13.25 1.40 -2.05
N1 5HC B 9 12.29 0.72 -2.90
C2 5HC B 9 11.54 -0.37 -2.44
O2 5HC B 9 11.75 -0.73 -1.31
N3 5HC B 9 10.57 -1.10 -3.16
C4 5HC B 9 10.31 -0.76 -4.36
N4 5HC B 9 9.30 -1.51 -5.14
C5 5HC B 9 11.07 0.45 -5.01
C5M 5HC B 9 10.76 0.85 -6.46
O5 5HC B 9 11.32 2.12 -6.70
C6 5HC B 9 12.01 1.13 -4.28
P 5HC C 3 5.14 -12.65 -5.30
OP1 5HC C 3 4.62 -14.03 -4.97
OP2 5HC C 3 4.05 -11.74 -5.85
O5' 5HC C 3 5.82 -11.99 -4.01
C5' 5HC C 3 6.79 -12.77 -3.36
C4' 5HC C 3 7.39 -12.02 -2.26
O4' 5HC C 3 8.42 -10.99 -2.81
C3' 5HC C 3 6.40 -11.24 -1.49
O3' 5HC C 3 6.61 -11.67 -0.06
C2' 5HC C 3 6.75 -9.97 -1.69
C1' 5HC C 3 8.01 -9.74 -2.00
N1 5HC C 3 8.29 -8.58 -2.84
C2 5HC C 3 9.36 -7.74 -2.56
O2 5HC C 3 10.01 -8.01 -1.57
N3 5HC C 3 9.78 -6.61 -3.26
C4 5HC C 3 9.14 -6.26 -4.31
N4 5HC C 3 9.56 -5.08 -5.09
C5 5HC C 3 7.91 -7.11 -4.78
C5M 5HC C 3 7.15 -6.68 -6.04
O5 5HC C 3 6.20 -7.65 -6.39
C6 5HC C 3 7.52 -8.23 -4.04
ZN ZN D . 1.15 5.58 -17.00
ZN ZN E . -11.37 -8.53 2.21
ZN ZN F . -0.23 6.35 22.08
K K G . 3.56 8.60 -22.42
#